data_6G00
#
_entry.id   6G00
#
_cell.length_a   61.540
_cell.length_b   72.995
_cell.length_c   90.866
_cell.angle_alpha   90.00
_cell.angle_beta   90.00
_cell.angle_gamma   90.00
#
_symmetry.space_group_name_H-M   'P 21 21 21'
#
loop_
_entity.id
_entity.type
_entity.pdbx_description
1 polymer 'Glycoside hydrolase family 8 domain protein'
2 non-polymer 1,2-ETHANEDIOL
3 non-polymer 'SODIUM ION'
4 water water
#
_entity_poly.entity_id   1
_entity_poly.type   'polypeptide(L)'
_entity_poly.pdbx_seq_one_letter_code
;GPAAGAVATGEYRNLFAEIGKSEIDIQRKIDEAFQHLFYGDAKDAAVYYQAGGNENGPLAYVYDVNSNDVRSEGMSYGMM
ITVQMDKKAEFDAIWNWAKTYMYQDSPTHPAFGYFAWSMRRDGVANDDMPAPDGEEYFVTALYFAAARWGNGEGIFNYQQ
EADTILSRMRHRQVITGPTNRGVMTATNLFHPEEAQVRFTPDINNADHTDASYHLPSFYEIWARVAPQEDRAFWAKAADV
SRDYFAKAAHPVTALTPDYGNFDGTPWAASWRPESVDFRYDAWRSVMNWSMDYAWWGKDSGAPARSDKLLAFFETQEGKM
NHLYSLDGKPLGGGPTLGLISMNATAAMAATDPRWHNFVEKLWQQQPPTGQYRYYDGVLYLMALLHCAGEYKAWIPDGE
;
_entity_poly.pdbx_strand_id   A
#
loop_
_chem_comp.id
_chem_comp.type
_chem_comp.name
_chem_comp.formula
EDO non-polymer 1,2-ETHANEDIOL 'C2 H6 O2'
NA non-polymer 'SODIUM ION' 'Na 1'
#
# COMPACT_ATOMS: atom_id res chain seq x y z
N GLY A 5 8.80 11.73 16.54
CA GLY A 5 7.85 11.04 15.60
C GLY A 5 6.47 10.93 16.25
N ALA A 6 5.43 10.79 15.44
CA ALA A 6 4.07 10.65 15.92
C ALA A 6 3.85 9.42 16.76
N VAL A 7 4.56 8.33 16.50
CA VAL A 7 4.32 7.15 17.30
C VAL A 7 4.76 7.41 18.78
N ALA A 8 5.91 8.04 18.96
CA ALA A 8 6.40 8.34 20.32
C ALA A 8 5.56 9.31 21.09
N THR A 9 5.06 10.36 20.40
CA THR A 9 4.26 11.39 21.03
C THR A 9 2.79 11.05 21.09
N GLY A 10 2.31 10.18 20.18
CA GLY A 10 0.88 9.94 19.99
C GLY A 10 0.16 11.07 19.30
N GLU A 11 0.88 12.05 18.77
CA GLU A 11 0.31 13.27 18.19
C GLU A 11 0.53 13.16 16.70
N TYR A 12 -0.52 12.84 15.95
CA TYR A 12 -0.44 12.79 14.52
C TYR A 12 -0.92 14.12 13.94
N ARG A 13 -0.23 14.60 12.93
CA ARG A 13 -0.58 15.89 12.37
C ARG A 13 -1.85 15.81 11.53
N ASN A 14 -2.73 16.78 11.77
CA ASN A 14 -3.91 16.96 10.97
C ASN A 14 -3.59 18.08 10.01
N LEU A 15 -3.13 17.70 8.82
CA LEU A 15 -2.65 18.65 7.83
C LEU A 15 -3.79 19.47 7.28
N PHE A 16 -4.99 18.89 7.19
CA PHE A 16 -6.15 19.68 6.83
C PHE A 16 -6.46 20.77 7.83
N ALA A 17 -6.33 20.47 9.11
CA ALA A 17 -6.56 21.50 10.11
C ALA A 17 -5.46 22.57 10.03
N GLU A 18 -4.22 22.18 9.73
CA GLU A 18 -3.14 23.14 9.61
C GLU A 18 -3.33 24.09 8.44
N ILE A 19 -4.08 23.72 7.41
CA ILE A 19 -4.38 24.63 6.32
C ILE A 19 -5.78 25.29 6.49
N GLY A 20 -6.38 25.09 7.64
CA GLY A 20 -7.57 25.89 8.03
C GLY A 20 -8.89 25.24 7.92
N LYS A 21 -8.96 23.92 7.69
CA LYS A 21 -10.26 23.24 7.63
C LYS A 21 -10.79 22.89 9.00
N SER A 22 -12.10 22.99 9.19
CA SER A 22 -12.68 22.62 10.45
C SER A 22 -12.80 21.12 10.62
N GLU A 23 -12.81 20.69 11.86
CA GLU A 23 -12.87 19.27 12.11
C GLU A 23 -14.19 18.68 11.57
N ILE A 24 -15.29 19.40 11.65
CA ILE A 24 -16.55 18.87 11.12
C ILE A 24 -16.41 18.68 9.61
N ASP A 25 -15.80 19.61 8.90
CA ASP A 25 -15.71 19.46 7.47
C ASP A 25 -14.72 18.31 7.09
N ILE A 26 -13.67 18.15 7.87
CA ILE A 26 -12.71 17.09 7.66
C ILE A 26 -13.42 15.75 7.84
N GLN A 27 -14.19 15.63 8.91
CA GLN A 27 -14.90 14.37 9.14
CA GLN A 27 -14.95 14.38 9.15
C GLN A 27 -15.91 14.11 8.03
N ARG A 28 -16.59 15.15 7.54
CA ARG A 28 -17.54 14.95 6.46
C ARG A 28 -16.81 14.47 5.16
N LYS A 29 -15.62 14.99 4.90
CA LYS A 29 -14.82 14.63 3.73
C LYS A 29 -14.48 13.15 3.74
N ILE A 30 -14.07 12.68 4.92
CA ILE A 30 -13.71 11.27 5.05
C ILE A 30 -14.93 10.42 4.95
N ASP A 31 -16.03 10.82 5.63
CA ASP A 31 -17.25 10.07 5.63
C ASP A 31 -17.83 9.93 4.24
N GLU A 32 -17.78 11.01 3.44
CA GLU A 32 -18.29 10.93 2.09
C GLU A 32 -17.45 10.03 1.23
N ALA A 33 -16.13 10.05 1.42
CA ALA A 33 -15.27 9.18 0.60
C ALA A 33 -15.58 7.72 0.91
N PHE A 34 -15.65 7.42 2.20
CA PHE A 34 -15.96 6.07 2.62
C PHE A 34 -17.34 5.62 2.13
N GLN A 35 -18.33 6.47 2.30
CA GLN A 35 -19.64 6.11 1.88
C GLN A 35 -19.75 5.86 0.41
N HIS A 36 -19.12 6.68 -0.40
CA HIS A 36 -19.12 6.51 -1.86
C HIS A 36 -18.42 5.21 -2.25
N LEU A 37 -17.19 5.03 -1.77
CA LEU A 37 -16.39 3.86 -2.18
C LEU A 37 -16.90 2.54 -1.66
N PHE A 38 -17.46 2.55 -0.45
CA PHE A 38 -17.92 1.31 0.13
C PHE A 38 -19.40 1.04 -0.11
N TYR A 39 -20.22 2.09 -0.18
CA TYR A 39 -21.67 1.93 -0.20
C TYR A 39 -22.34 2.78 -1.24
N GLY A 40 -21.60 3.27 -2.24
CA GLY A 40 -22.11 4.10 -3.29
C GLY A 40 -22.76 3.30 -4.38
N ASP A 41 -23.17 4.05 -5.41
CA ASP A 41 -23.75 3.45 -6.59
C ASP A 41 -22.86 2.33 -7.10
N ALA A 42 -23.40 1.14 -7.19
CA ALA A 42 -22.63 -0.04 -7.61
C ALA A 42 -21.97 0.02 -8.98
N LYS A 43 -22.57 0.71 -9.92
CA LYS A 43 -22.04 0.82 -11.28
C LYS A 43 -21.06 1.99 -11.42
N ASP A 44 -21.15 3.03 -10.61
CA ASP A 44 -20.40 4.21 -10.86
C ASP A 44 -19.51 4.68 -9.73
N ALA A 45 -19.73 4.22 -8.50
CA ALA A 45 -19.06 4.80 -7.34
C ALA A 45 -18.39 3.78 -6.43
N ALA A 46 -19.06 2.70 -6.09
CA ALA A 46 -18.53 1.77 -5.14
C ALA A 46 -17.42 0.90 -5.72
N VAL A 47 -16.51 0.48 -4.84
CA VAL A 47 -15.49 -0.52 -5.18
C VAL A 47 -15.58 -1.68 -4.23
N TYR A 48 -16.59 -1.70 -3.38
CA TYR A 48 -16.78 -2.72 -2.35
C TYR A 48 -18.01 -3.45 -2.65
N TYR A 49 -17.98 -4.77 -2.53
CA TYR A 49 -19.08 -5.62 -2.88
C TYR A 49 -19.31 -6.62 -1.76
N GLN A 50 -20.53 -6.65 -1.25
CA GLN A 50 -20.91 -7.64 -0.27
C GLN A 50 -21.26 -8.95 -0.93
N ALA A 51 -20.53 -10.00 -0.59
CA ALA A 51 -20.44 -11.25 -1.31
C ALA A 51 -20.93 -12.45 -0.50
N GLY A 52 -22.05 -12.31 0.16
CA GLY A 52 -22.59 -13.39 0.95
C GLY A 52 -21.82 -13.61 2.22
N GLY A 53 -21.71 -14.87 2.60
CA GLY A 53 -21.06 -15.20 3.85
C GLY A 53 -20.70 -16.66 3.91
N ASN A 54 -19.96 -17.03 4.93
CA ASN A 54 -19.57 -18.43 5.15
C ASN A 54 -19.57 -18.71 6.65
N GLU A 55 -18.87 -19.74 7.07
CA GLU A 55 -18.77 -20.07 8.49
C GLU A 55 -18.16 -18.98 9.38
N ASN A 56 -17.42 -18.07 8.76
CA ASN A 56 -16.82 -16.96 9.47
C ASN A 56 -17.70 -15.72 9.52
N GLY A 57 -18.89 -15.76 8.93
CA GLY A 57 -19.70 -14.60 8.79
C GLY A 57 -19.58 -13.97 7.41
N PRO A 58 -19.96 -12.69 7.28
CA PRO A 58 -19.99 -12.02 6.00
C PRO A 58 -18.65 -12.04 5.25
N LEU A 59 -18.79 -12.07 3.95
CA LEU A 59 -17.72 -11.97 2.95
C LEU A 59 -17.90 -10.70 2.17
N ALA A 60 -16.81 -10.02 1.83
CA ALA A 60 -16.87 -8.87 0.95
C ALA A 60 -15.55 -8.67 0.32
N TYR A 61 -15.55 -7.90 -0.74
CA TYR A 61 -14.28 -7.57 -1.35
C TYR A 61 -14.29 -6.23 -1.95
N VAL A 62 -13.08 -5.68 -2.04
CA VAL A 62 -12.78 -4.51 -2.78
C VAL A 62 -12.34 -5.01 -4.14
N TYR A 63 -12.78 -4.39 -5.22
CA TYR A 63 -12.36 -4.89 -6.50
C TYR A 63 -12.08 -3.80 -7.48
N ASP A 64 -11.24 -4.16 -8.44
CA ASP A 64 -11.01 -3.31 -9.59
C ASP A 64 -12.21 -3.43 -10.51
N VAL A 65 -13.00 -2.38 -10.51
CA VAL A 65 -14.24 -2.33 -11.29
C VAL A 65 -13.94 -2.27 -12.80
N ASN A 66 -12.70 -1.91 -13.18
CA ASN A 66 -12.37 -1.83 -14.58
C ASN A 66 -12.24 -3.22 -15.17
N SER A 67 -11.23 -3.96 -14.69
CA SER A 67 -10.99 -5.33 -15.12
C SER A 67 -12.00 -6.31 -14.57
N ASN A 68 -12.71 -5.89 -13.52
CA ASN A 68 -13.70 -6.73 -12.82
C ASN A 68 -13.03 -7.84 -12.07
N ASP A 69 -11.83 -7.58 -11.59
CA ASP A 69 -11.05 -8.58 -10.85
C ASP A 69 -10.80 -8.01 -9.47
N VAL A 70 -10.72 -8.92 -8.52
CA VAL A 70 -10.32 -8.64 -7.12
C VAL A 70 -8.77 -8.60 -7.10
N ARG A 71 -8.17 -7.57 -6.54
CA ARG A 71 -6.74 -7.44 -6.44
C ARG A 71 -6.31 -7.56 -4.98
N SER A 72 -5.25 -8.32 -4.71
CA SER A 72 -4.78 -8.41 -3.34
C SER A 72 -4.43 -7.08 -2.75
N GLU A 73 -3.90 -6.17 -3.55
CA GLU A 73 -3.53 -4.84 -2.99
C GLU A 73 -4.76 -4.13 -2.50
N GLY A 74 -5.81 -4.11 -3.30
CA GLY A 74 -7.04 -3.44 -2.90
C GLY A 74 -7.70 -4.01 -1.69
N MET A 75 -7.62 -5.34 -1.54
CA MET A 75 -8.10 -5.99 -0.33
C MET A 75 -7.33 -5.53 0.88
N SER A 76 -6.01 -5.50 0.74
CA SER A 76 -5.15 -5.11 1.85
C SER A 76 -5.32 -3.63 2.19
N TYR A 77 -5.52 -2.77 1.20
CA TYR A 77 -5.79 -1.36 1.47
C TYR A 77 -7.16 -1.21 2.11
N GLY A 78 -8.15 -2.00 1.66
CA GLY A 78 -9.43 -1.99 2.29
C GLY A 78 -9.38 -2.32 3.75
N MET A 79 -8.59 -3.34 4.07
CA MET A 79 -8.36 -3.68 5.49
C MET A 79 -7.68 -2.55 6.24
N MET A 80 -6.66 -1.93 5.64
CA MET A 80 -6.01 -0.85 6.33
C MET A 80 -6.96 0.34 6.55
N ILE A 81 -7.73 0.69 5.53
CA ILE A 81 -8.68 1.79 5.66
C ILE A 81 -9.68 1.48 6.80
N THR A 82 -10.26 0.28 6.76
CA THR A 82 -11.26 -0.08 7.73
C THR A 82 -10.76 -0.18 9.15
N VAL A 83 -9.55 -0.70 9.36
CA VAL A 83 -9.04 -0.63 10.74
C VAL A 83 -8.78 0.78 11.19
N GLN A 84 -8.23 1.62 10.33
CA GLN A 84 -8.02 3.04 10.68
C GLN A 84 -9.30 3.75 11.01
N MET A 85 -10.39 3.35 10.35
CA MET A 85 -11.68 3.99 10.56
C MET A 85 -12.52 3.26 11.61
N ASP A 86 -11.97 2.23 12.29
CA ASP A 86 -12.70 1.48 13.31
C ASP A 86 -13.94 0.75 12.77
N LYS A 87 -13.85 0.29 11.54
CA LYS A 87 -14.95 -0.41 10.84
C LYS A 87 -14.69 -1.91 10.88
N LYS A 88 -14.88 -2.54 12.04
CA LYS A 88 -14.59 -3.95 12.21
C LYS A 88 -15.38 -4.87 11.32
N ALA A 89 -16.65 -4.56 11.12
CA ALA A 89 -17.47 -5.44 10.29
C ALA A 89 -16.97 -5.57 8.87
N GLU A 90 -16.65 -4.43 8.29
CA GLU A 90 -16.10 -4.41 6.93
C GLU A 90 -14.71 -5.03 6.88
N PHE A 91 -13.88 -4.71 7.86
CA PHE A 91 -12.56 -5.36 7.93
C PHE A 91 -12.67 -6.84 7.93
N ASP A 92 -13.53 -7.37 8.79
CA ASP A 92 -13.66 -8.82 8.95
C ASP A 92 -14.19 -9.45 7.67
N ALA A 93 -15.12 -8.76 7.00
CA ALA A 93 -15.70 -9.26 5.76
C ALA A 93 -14.64 -9.40 4.64
N ILE A 94 -13.85 -8.35 4.53
CA ILE A 94 -12.75 -8.31 3.52
C ILE A 94 -11.73 -9.39 3.84
N TRP A 95 -11.32 -9.43 5.09
CA TRP A 95 -10.34 -10.45 5.50
C TRP A 95 -10.82 -11.86 5.27
N ASN A 96 -12.09 -12.11 5.56
CA ASN A 96 -12.67 -13.40 5.32
C ASN A 96 -12.57 -13.78 3.86
N TRP A 97 -12.87 -12.85 2.96
CA TRP A 97 -12.78 -13.23 1.52
C TRP A 97 -11.31 -13.44 1.11
N ALA A 98 -10.43 -12.55 1.57
CA ALA A 98 -9.01 -12.74 1.28
C ALA A 98 -8.47 -14.04 1.76
N LYS A 99 -8.74 -14.37 3.02
CA LYS A 99 -8.18 -15.56 3.57
C LYS A 99 -8.87 -16.78 2.99
N THR A 100 -10.16 -16.73 2.70
CA THR A 100 -10.91 -17.86 2.16
C THR A 100 -10.52 -18.17 0.72
N TYR A 101 -10.49 -17.15 -0.13
CA TYR A 101 -10.39 -17.34 -1.59
C TYR A 101 -9.02 -17.02 -2.15
N MET A 102 -8.29 -16.08 -1.55
CA MET A 102 -7.03 -15.58 -2.18
CA MET A 102 -7.03 -15.58 -2.17
C MET A 102 -5.78 -16.23 -1.64
N TYR A 103 -5.80 -16.62 -0.36
CA TYR A 103 -4.59 -17.11 0.33
C TYR A 103 -4.35 -18.60 -0.06
N GLN A 104 -3.12 -18.91 -0.46
CA GLN A 104 -2.75 -20.27 -0.80
C GLN A 104 -2.25 -21.03 0.43
N ASP A 105 -3.00 -22.03 0.85
CA ASP A 105 -2.66 -22.75 2.10
C ASP A 105 -2.00 -24.10 1.85
N SER A 106 -1.83 -24.51 0.60
CA SER A 106 -1.22 -25.84 0.30
C SER A 106 0.31 -25.72 0.36
N PRO A 107 0.98 -26.47 1.26
CA PRO A 107 2.43 -26.36 1.37
C PRO A 107 3.23 -26.87 0.18
N THR A 108 2.60 -27.54 -0.77
CA THR A 108 3.22 -28.00 -2.00
C THR A 108 2.95 -27.12 -3.21
N HIS A 109 2.19 -26.03 -3.00
CA HIS A 109 1.87 -25.10 -4.08
C HIS A 109 2.90 -24.00 -4.05
N PRO A 110 3.40 -23.58 -5.21
CA PRO A 110 4.44 -22.56 -5.23
C PRO A 110 4.09 -21.23 -4.66
N ALA A 111 2.80 -20.94 -4.60
CA ALA A 111 2.31 -19.74 -3.95
C ALA A 111 1.99 -19.88 -2.46
N PHE A 112 2.35 -21.00 -1.85
CA PHE A 112 2.13 -21.22 -0.40
C PHE A 112 2.45 -20.02 0.44
N GLY A 113 1.45 -19.58 1.24
CA GLY A 113 1.60 -18.45 2.11
C GLY A 113 1.32 -17.10 1.48
N TYR A 114 0.99 -17.07 0.20
CA TYR A 114 0.79 -15.82 -0.46
C TYR A 114 -0.67 -15.68 -0.95
N PHE A 115 -1.05 -14.41 -1.11
CA PHE A 115 -2.35 -14.06 -1.62
C PHE A 115 -2.26 -13.78 -3.13
N ALA A 116 -3.13 -14.41 -3.91
CA ALA A 116 -3.15 -14.23 -5.35
C ALA A 116 -3.36 -12.77 -5.71
N TRP A 117 -2.52 -12.21 -6.59
CA TRP A 117 -2.60 -10.77 -6.83
C TRP A 117 -3.83 -10.39 -7.61
N SER A 118 -4.29 -11.28 -8.47
CA SER A 118 -5.41 -10.98 -9.33
C SER A 118 -6.34 -12.20 -9.34
N MET A 119 -7.59 -12.02 -8.90
CA MET A 119 -8.56 -13.11 -8.80
C MET A 119 -9.91 -12.67 -9.38
N ARG A 120 -10.56 -13.55 -10.07
CA ARG A 120 -11.87 -13.23 -10.60
C ARG A 120 -12.85 -13.23 -9.41
N ARG A 121 -14.01 -12.64 -9.66
CA ARG A 121 -15.02 -12.50 -8.57
C ARG A 121 -15.67 -13.76 -8.15
N ASP A 122 -15.48 -14.83 -8.91
CA ASP A 122 -15.94 -16.16 -8.53
C ASP A 122 -14.91 -16.96 -7.73
N GLY A 123 -13.77 -16.32 -7.39
CA GLY A 123 -12.68 -17.00 -6.78
C GLY A 123 -11.66 -17.75 -7.60
N VAL A 124 -11.75 -17.66 -8.91
CA VAL A 124 -10.80 -18.33 -9.78
C VAL A 124 -9.60 -17.38 -9.91
N ALA A 125 -8.41 -17.81 -9.53
CA ALA A 125 -7.22 -16.94 -9.66
C ALA A 125 -6.88 -16.71 -11.13
N ASN A 126 -6.58 -15.47 -11.47
CA ASN A 126 -5.92 -15.16 -12.71
C ASN A 126 -4.42 -15.47 -12.59
N ASP A 127 -3.86 -15.21 -11.43
CA ASP A 127 -2.42 -15.39 -11.18
C ASP A 127 -2.29 -15.63 -9.71
N ASP A 128 -1.67 -16.74 -9.34
CA ASP A 128 -1.50 -17.11 -7.95
C ASP A 128 -0.33 -16.39 -7.30
N MET A 129 0.57 -15.80 -8.11
CA MET A 129 1.67 -15.05 -7.53
C MET A 129 1.17 -13.81 -6.82
N PRO A 130 1.84 -13.37 -5.75
CA PRO A 130 1.43 -12.17 -5.01
C PRO A 130 1.95 -10.90 -5.56
N ALA A 131 1.30 -9.81 -5.17
CA ALA A 131 1.81 -8.43 -5.34
C ALA A 131 2.29 -8.17 -3.90
N PRO A 132 3.61 -8.23 -3.64
CA PRO A 132 4.08 -8.29 -2.27
C PRO A 132 3.63 -7.13 -1.38
N ASP A 133 3.39 -5.92 -1.86
CA ASP A 133 2.88 -4.90 -0.98
C ASP A 133 1.52 -5.28 -0.37
N GLY A 134 0.73 -6.10 -1.08
CA GLY A 134 -0.48 -6.63 -0.48
C GLY A 134 -0.21 -7.38 0.81
N GLU A 135 0.68 -8.38 0.78
CA GLU A 135 1.07 -9.07 1.96
C GLU A 135 1.52 -8.07 3.06
N GLU A 136 2.32 -7.09 2.67
CA GLU A 136 2.85 -6.16 3.66
C GLU A 136 1.74 -5.39 4.35
N TYR A 137 0.77 -4.92 3.55
CA TYR A 137 -0.40 -4.25 4.16
C TYR A 137 -1.27 -5.21 4.94
N PHE A 138 -1.47 -6.42 4.43
CA PHE A 138 -2.29 -7.42 5.18
C PHE A 138 -1.74 -7.61 6.58
N VAL A 139 -0.44 -7.91 6.67
CA VAL A 139 0.13 -8.20 7.98
C VAL A 139 -0.01 -7.02 8.93
N THR A 140 0.28 -5.82 8.44
CA THR A 140 0.29 -4.64 9.26
C THR A 140 -1.15 -4.35 9.69
N ALA A 141 -2.10 -4.43 8.74
CA ALA A 141 -3.49 -4.21 9.12
C ALA A 141 -3.99 -5.19 10.14
N LEU A 142 -3.56 -6.44 10.05
CA LEU A 142 -3.88 -7.43 11.04
C LEU A 142 -3.31 -7.11 12.41
N TYR A 143 -2.05 -6.67 12.48
CA TYR A 143 -1.53 -6.25 13.78
C TYR A 143 -2.33 -5.07 14.33
N PHE A 144 -2.70 -4.15 13.47
CA PHE A 144 -3.48 -2.98 13.93
C PHE A 144 -4.87 -3.41 14.43
N ALA A 145 -5.47 -4.38 13.75
CA ALA A 145 -6.74 -4.93 14.18
C ALA A 145 -6.63 -5.57 15.54
N ALA A 146 -5.58 -6.34 15.77
CA ALA A 146 -5.33 -6.89 17.11
C ALA A 146 -5.25 -5.80 18.13
N ALA A 147 -4.54 -4.73 17.82
CA ALA A 147 -4.41 -3.64 18.77
C ALA A 147 -5.70 -2.91 19.05
N ARG A 148 -6.52 -2.69 18.03
CA ARG A 148 -7.73 -1.86 18.23
C ARG A 148 -8.86 -2.67 18.81
N TRP A 149 -9.02 -3.91 18.35
CA TRP A 149 -10.23 -4.68 18.65
C TRP A 149 -9.96 -5.88 19.55
N GLY A 150 -8.68 -6.20 19.76
CA GLY A 150 -8.32 -7.45 20.40
C GLY A 150 -8.45 -8.64 19.47
N ASN A 151 -7.86 -9.76 19.87
CA ASN A 151 -7.87 -10.93 19.03
C ASN A 151 -9.07 -11.79 19.28
N GLY A 152 -9.68 -12.21 18.21
CA GLY A 152 -10.68 -13.27 18.17
C GLY A 152 -9.98 -14.63 18.04
N GLU A 153 -10.72 -15.62 17.56
CA GLU A 153 -10.16 -16.92 17.26
C GLU A 153 -10.23 -17.26 15.77
N GLY A 154 -9.54 -18.33 15.40
CA GLY A 154 -9.55 -18.73 14.02
C GLY A 154 -8.96 -17.65 13.17
N ILE A 155 -9.64 -17.36 12.05
CA ILE A 155 -9.10 -16.31 11.15
C ILE A 155 -9.11 -14.95 11.79
N PHE A 156 -9.92 -14.76 12.84
CA PHE A 156 -9.96 -13.49 13.52
C PHE A 156 -9.00 -13.37 14.68
N ASN A 157 -8.12 -14.37 14.87
CA ASN A 157 -6.99 -14.15 15.77
C ASN A 157 -5.96 -13.36 14.94
N TYR A 158 -6.21 -12.07 14.88
CA TYR A 158 -5.53 -11.22 13.94
C TYR A 158 -4.01 -11.29 14.15
N GLN A 159 -3.60 -11.28 15.40
CA GLN A 159 -2.18 -11.30 15.72
C GLN A 159 -1.48 -12.58 15.37
N GLN A 160 -2.14 -13.69 15.62
CA GLN A 160 -1.58 -14.99 15.23
C GLN A 160 -1.51 -15.14 13.69
N GLU A 161 -2.55 -14.68 12.99
CA GLU A 161 -2.52 -14.70 11.54
C GLU A 161 -1.35 -13.85 10.99
N ALA A 162 -1.20 -12.66 11.50
CA ALA A 162 -0.09 -11.78 11.09
C ALA A 162 1.24 -12.45 11.35
N ASP A 163 1.42 -12.98 12.55
CA ASP A 163 2.71 -13.60 12.93
C ASP A 163 3.03 -14.72 11.96
N THR A 164 2.08 -15.61 11.70
CA THR A 164 2.31 -16.76 10.85
C THR A 164 2.61 -16.32 9.43
N ILE A 165 1.79 -15.41 8.93
CA ILE A 165 1.94 -14.97 7.55
C ILE A 165 3.26 -14.26 7.36
N LEU A 166 3.66 -13.44 8.31
CA LEU A 166 4.90 -12.69 8.20
C LEU A 166 6.11 -13.60 8.35
N SER A 167 6.06 -14.54 9.25
CA SER A 167 7.15 -15.49 9.39
C SER A 167 7.34 -16.25 8.09
N ARG A 168 6.26 -16.65 7.45
CA ARG A 168 6.36 -17.40 6.22
C ARG A 168 6.87 -16.55 5.06
N MET A 169 6.50 -15.26 5.04
CA MET A 169 7.05 -14.37 4.04
C MET A 169 8.56 -14.34 4.05
N ARG A 170 9.13 -14.40 5.23
CA ARG A 170 10.58 -14.45 5.36
C ARG A 170 11.14 -15.85 5.06
N HIS A 171 10.55 -16.85 5.67
CA HIS A 171 11.18 -18.17 5.72
C HIS A 171 10.70 -19.14 4.67
N ARG A 172 9.78 -18.73 3.79
CA ARG A 172 9.31 -19.57 2.70
C ARG A 172 10.48 -20.21 1.92
N GLN A 173 10.32 -21.49 1.63
CA GLN A 173 11.27 -22.22 0.85
C GLN A 173 10.95 -22.12 -0.64
N VAL A 174 11.85 -22.61 -1.49
CA VAL A 174 11.59 -22.69 -2.89
C VAL A 174 10.64 -23.84 -3.15
N ILE A 175 9.53 -23.58 -3.83
CA ILE A 175 8.52 -24.59 -4.15
C ILE A 175 8.18 -24.49 -5.62
N THR A 176 8.03 -25.65 -6.29
CA THR A 176 7.63 -25.74 -7.65
C THR A 176 6.34 -26.52 -7.80
N GLY A 177 5.42 -26.05 -8.60
CA GLY A 177 4.22 -26.82 -8.90
C GLY A 177 3.23 -26.14 -9.77
N PRO A 178 2.13 -26.81 -10.14
CA PRO A 178 1.09 -26.23 -10.97
C PRO A 178 0.45 -25.01 -10.37
N THR A 179 0.10 -24.08 -11.25
CA THR A 179 -0.67 -22.89 -10.90
C THR A 179 -1.62 -22.59 -12.04
N ASN A 180 -2.44 -21.57 -11.82
CA ASN A 180 -3.33 -21.15 -12.89
C ASN A 180 -2.62 -20.55 -14.11
N ARG A 181 -1.33 -20.23 -13.99
CA ARG A 181 -0.54 -19.79 -15.14
CA ARG A 181 -0.52 -19.77 -15.11
C ARG A 181 0.46 -20.83 -15.61
N GLY A 182 0.23 -22.07 -15.24
CA GLY A 182 1.18 -23.16 -15.57
C GLY A 182 2.12 -23.45 -14.42
N VAL A 183 3.02 -24.39 -14.60
CA VAL A 183 3.96 -24.72 -13.55
C VAL A 183 4.86 -23.53 -13.27
N MET A 184 5.03 -23.23 -11.99
CA MET A 184 5.87 -22.11 -11.58
C MET A 184 6.72 -22.54 -10.41
N THR A 185 7.80 -21.81 -10.19
CA THR A 185 8.66 -21.99 -9.01
C THR A 185 8.75 -20.63 -8.33
N ALA A 186 8.55 -20.61 -7.01
CA ALA A 186 8.64 -19.34 -6.28
C ALA A 186 9.39 -19.52 -5.00
N THR A 187 9.86 -18.43 -4.44
CA THR A 187 10.71 -18.37 -3.28
C THR A 187 10.06 -17.51 -2.18
N ASN A 188 10.86 -17.06 -1.25
CA ASN A 188 10.43 -16.13 -0.17
C ASN A 188 10.12 -14.74 -0.73
N LEU A 189 9.61 -13.87 0.11
CA LEU A 189 9.12 -12.56 -0.35
C LEU A 189 10.09 -11.43 -0.03
N PHE A 190 11.13 -11.73 0.74
CA PHE A 190 12.20 -10.77 1.08
C PHE A 190 13.51 -11.45 0.84
N HIS A 191 14.42 -10.73 0.21
CA HIS A 191 15.76 -11.31 0.00
C HIS A 191 16.45 -11.49 1.32
N PRO A 192 16.98 -12.70 1.60
CA PRO A 192 17.50 -12.94 2.95
C PRO A 192 18.77 -12.16 3.28
N GLU A 193 19.54 -11.81 2.29
CA GLU A 193 20.78 -11.07 2.56
C GLU A 193 20.59 -9.59 2.46
N GLU A 194 19.80 -9.15 1.47
CA GLU A 194 19.59 -7.73 1.24
C GLU A 194 18.50 -7.16 2.18
N ALA A 195 17.66 -8.02 2.72
CA ALA A 195 16.55 -7.58 3.56
C ALA A 195 15.67 -6.57 2.86
N GLN A 196 15.33 -6.87 1.60
CA GLN A 196 14.45 -6.06 0.79
C GLN A 196 13.32 -6.92 0.28
N VAL A 197 12.13 -6.31 0.22
CA VAL A 197 10.98 -6.97 -0.39
C VAL A 197 11.29 -7.16 -1.88
N ARG A 198 10.85 -8.28 -2.42
CA ARG A 198 10.92 -8.58 -3.82
C ARG A 198 9.75 -7.97 -4.58
N PHE A 199 9.98 -7.68 -5.85
CA PHE A 199 8.91 -7.36 -6.76
C PHE A 199 8.00 -8.61 -6.88
N THR A 200 8.59 -9.80 -6.99
CA THR A 200 7.88 -11.06 -7.16
C THR A 200 8.68 -12.17 -6.53
N PRO A 201 8.02 -13.18 -5.96
CA PRO A 201 8.74 -14.41 -5.53
C PRO A 201 8.95 -15.38 -6.68
N ASP A 202 8.41 -15.09 -7.87
CA ASP A 202 8.62 -16.00 -9.01
C ASP A 202 10.11 -16.05 -9.29
N ILE A 203 10.67 -17.25 -9.29
CA ILE A 203 12.08 -17.41 -9.30
C ILE A 203 12.69 -16.80 -10.56
N ASN A 204 11.96 -16.76 -11.65
CA ASN A 204 12.50 -16.19 -12.89
C ASN A 204 12.80 -14.69 -12.81
N ASN A 205 12.19 -13.98 -11.88
CA ASN A 205 12.41 -12.54 -11.74
C ASN A 205 12.50 -12.12 -10.25
N ALA A 206 12.96 -13.02 -9.40
CA ALA A 206 12.91 -12.80 -7.96
C ALA A 206 13.88 -11.74 -7.44
N ASP A 207 15.01 -11.53 -8.11
CA ASP A 207 16.03 -10.66 -7.53
C ASP A 207 15.90 -9.21 -8.01
N HIS A 208 14.75 -8.63 -7.69
CA HIS A 208 14.43 -7.24 -8.02
C HIS A 208 13.50 -6.77 -6.96
N THR A 209 13.18 -5.48 -7.00
CA THR A 209 12.32 -4.85 -5.99
C THR A 209 11.48 -3.77 -6.66
N ASP A 210 10.78 -2.98 -5.85
CA ASP A 210 9.86 -1.96 -6.35
C ASP A 210 9.78 -0.94 -5.22
N ALA A 211 10.20 0.31 -5.47
CA ALA A 211 10.30 1.27 -4.41
C ALA A 211 8.98 1.47 -3.67
N SER A 212 7.87 1.40 -4.39
CA SER A 212 6.56 1.57 -3.74
C SER A 212 6.15 0.42 -2.86
N TYR A 213 6.89 -0.68 -2.87
CA TYR A 213 6.67 -1.78 -1.94
C TYR A 213 7.52 -1.61 -0.66
N HIS A 214 8.48 -0.68 -0.66
CA HIS A 214 9.30 -0.45 0.55
C HIS A 214 8.48 0.31 1.60
N LEU A 215 8.21 -0.34 2.75
CA LEU A 215 7.35 0.22 3.78
C LEU A 215 8.01 0.21 5.14
N PRO A 216 9.12 1.00 5.25
CA PRO A 216 9.78 1.10 6.55
C PRO A 216 8.89 1.52 7.69
N SER A 217 7.85 2.31 7.44
CA SER A 217 6.94 2.65 8.49
C SER A 217 6.29 1.42 9.13
N PHE A 218 6.02 0.42 8.31
CA PHE A 218 5.43 -0.82 8.77
C PHE A 218 6.51 -1.79 9.31
N TYR A 219 7.68 -1.79 8.68
CA TYR A 219 8.73 -2.71 9.17
C TYR A 219 9.10 -2.38 10.62
N GLU A 220 8.99 -1.12 10.97
CA GLU A 220 9.21 -0.73 12.38
C GLU A 220 8.18 -1.33 13.33
N ILE A 221 6.94 -1.54 12.87
CA ILE A 221 5.93 -2.19 13.67
C ILE A 221 6.36 -3.63 13.85
N TRP A 222 6.71 -4.27 12.75
CA TRP A 222 7.08 -5.66 12.77
C TRP A 222 8.32 -5.89 13.63
N ALA A 223 9.24 -4.95 13.62
CA ALA A 223 10.46 -5.05 14.45
C ALA A 223 10.11 -5.07 15.94
N ARG A 224 8.93 -4.57 16.27
CA ARG A 224 8.45 -4.53 17.65
C ARG A 224 7.59 -5.68 18.02
N VAL A 225 6.77 -6.21 17.11
CA VAL A 225 5.76 -7.17 17.47
C VAL A 225 5.83 -8.53 16.75
N ALA A 226 6.72 -8.69 15.77
CA ALA A 226 6.81 -9.95 15.08
C ALA A 226 7.33 -11.05 15.97
N PRO A 227 7.25 -12.30 15.52
CA PRO A 227 8.02 -13.38 16.17
C PRO A 227 9.45 -12.97 16.45
N GLN A 228 9.91 -13.22 17.68
CA GLN A 228 11.11 -12.59 18.17
C GLN A 228 12.31 -12.86 17.25
N GLU A 229 12.41 -14.09 16.71
CA GLU A 229 13.52 -14.49 15.87
C GLU A 229 13.66 -13.68 14.60
N ASP A 230 12.61 -12.95 14.19
CA ASP A 230 12.68 -12.20 12.98
C ASP A 230 12.76 -10.67 13.20
N ARG A 231 12.65 -10.20 14.44
CA ARG A 231 12.60 -8.77 14.67
C ARG A 231 13.82 -8.00 14.15
N ALA A 232 14.98 -8.61 14.32
CA ALA A 232 16.21 -7.92 13.84
C ALA A 232 16.23 -7.79 12.31
N PHE A 233 15.68 -8.78 11.61
CA PHE A 233 15.53 -8.72 10.16
C PHE A 233 14.61 -7.61 9.73
N TRP A 234 13.48 -7.44 10.42
CA TRP A 234 12.58 -6.36 10.03
C TRP A 234 13.18 -4.99 10.37
N ALA A 235 13.95 -4.89 11.48
CA ALA A 235 14.64 -3.66 11.78
C ALA A 235 15.65 -3.33 10.68
N LYS A 236 16.39 -4.33 10.24
CA LYS A 236 17.32 -4.14 9.10
C LYS A 236 16.55 -3.67 7.87
N ALA A 237 15.39 -4.32 7.58
CA ALA A 237 14.63 -3.93 6.41
C ALA A 237 14.22 -2.44 6.48
N ALA A 238 13.85 -1.97 7.65
CA ALA A 238 13.51 -0.59 7.81
C ALA A 238 14.69 0.33 7.47
N ASP A 239 15.85 0.00 8.00
CA ASP A 239 17.02 0.81 7.69
C ASP A 239 17.39 0.75 6.21
N VAL A 240 17.36 -0.43 5.64
CA VAL A 240 17.66 -0.62 4.25
C VAL A 240 16.73 0.22 3.37
N SER A 241 15.42 0.22 3.68
CA SER A 241 14.50 0.96 2.84
C SER A 241 14.76 2.47 2.83
N ARG A 242 15.18 3.01 3.95
CA ARG A 242 15.50 4.44 3.99
C ARG A 242 16.69 4.75 3.12
N ASP A 243 17.68 3.88 3.10
CA ASP A 243 18.77 4.04 2.16
C ASP A 243 18.35 3.79 0.74
N TYR A 244 17.43 2.85 0.58
CA TYR A 244 16.91 2.55 -0.77
C TYR A 244 16.24 3.73 -1.40
N PHE A 245 15.40 4.44 -0.64
CA PHE A 245 14.75 5.61 -1.22
C PHE A 245 15.75 6.67 -1.60
N ALA A 246 16.78 6.82 -0.77
CA ALA A 246 17.84 7.76 -1.07
C ALA A 246 18.55 7.47 -2.38
N LYS A 247 18.77 6.21 -2.64
CA LYS A 247 19.37 5.77 -3.92
C LYS A 247 18.44 5.72 -5.11
N ALA A 248 17.14 5.44 -4.88
CA ALA A 248 16.23 5.14 -5.98
C ALA A 248 15.50 6.36 -6.50
N ALA A 249 15.32 7.36 -5.64
CA ALA A 249 14.66 8.58 -6.02
C ALA A 249 15.63 9.47 -6.83
N HIS A 250 15.14 10.06 -7.90
CA HIS A 250 16.01 10.93 -8.70
C HIS A 250 16.51 12.09 -7.83
N PRO A 251 17.82 12.45 -7.97
CA PRO A 251 18.33 13.46 -7.02
C PRO A 251 17.79 14.88 -7.22
N VAL A 252 17.22 15.18 -8.35
CA VAL A 252 16.60 16.48 -8.57
C VAL A 252 15.09 16.50 -8.32
N THR A 253 14.38 15.50 -8.83
CA THR A 253 12.93 15.51 -8.80
C THR A 253 12.33 14.67 -7.68
N ALA A 254 13.10 13.72 -7.17
CA ALA A 254 12.66 12.70 -6.20
C ALA A 254 11.64 11.72 -6.79
N LEU A 255 11.53 11.67 -8.11
CA LEU A 255 10.72 10.63 -8.75
C LEU A 255 11.45 9.30 -8.70
N THR A 256 10.67 8.24 -8.42
CA THR A 256 11.15 6.88 -8.39
C THR A 256 10.59 6.11 -9.57
N PRO A 257 11.27 5.04 -9.97
CA PRO A 257 10.74 4.18 -11.01
C PRO A 257 9.74 3.19 -10.43
N ASP A 258 8.87 2.65 -11.27
CA ASP A 258 7.98 1.60 -10.82
C ASP A 258 8.73 0.42 -10.28
N TYR A 259 9.69 -0.12 -11.04
CA TYR A 259 10.42 -1.29 -10.56
C TYR A 259 11.91 -0.99 -10.49
N GLY A 260 12.61 -1.75 -9.67
CA GLY A 260 13.99 -1.50 -9.41
C GLY A 260 14.80 -2.70 -9.07
N ASN A 261 16.11 -2.47 -9.06
CA ASN A 261 17.06 -3.48 -8.58
C ASN A 261 17.37 -3.20 -7.13
N PHE A 262 17.97 -4.16 -6.44
CA PHE A 262 18.30 -3.97 -5.01
C PHE A 262 19.30 -2.83 -4.75
N ASP A 263 20.14 -2.56 -5.73
CA ASP A 263 21.09 -1.44 -5.64
C ASP A 263 20.52 -0.09 -5.88
N GLY A 264 19.22 -0.02 -6.16
CA GLY A 264 18.55 1.24 -6.34
C GLY A 264 18.35 1.72 -7.74
N THR A 265 18.95 1.05 -8.69
CA THR A 265 18.79 1.42 -10.07
C THR A 265 17.43 0.96 -10.63
N PRO A 266 16.91 1.65 -11.64
CA PRO A 266 15.65 1.21 -12.25
C PRO A 266 15.80 -0.13 -12.94
N TRP A 267 14.72 -0.90 -12.98
CA TRP A 267 14.69 -2.20 -13.62
C TRP A 267 13.60 -2.19 -14.66
N ALA A 268 13.97 -2.54 -15.89
CA ALA A 268 13.05 -2.72 -17.02
C ALA A 268 12.63 -4.17 -17.09
N ALA A 269 11.40 -4.41 -16.68
CA ALA A 269 10.84 -5.78 -16.77
C ALA A 269 10.76 -6.18 -18.27
N SER A 270 11.02 -7.44 -18.60
CA SER A 270 10.97 -7.90 -19.99
C SER A 270 9.59 -7.70 -20.63
N TRP A 271 8.53 -7.83 -19.83
CA TRP A 271 7.15 -7.72 -20.30
C TRP A 271 6.64 -6.27 -20.18
N ARG A 272 7.42 -5.41 -19.54
CA ARG A 272 7.01 -4.01 -19.28
C ARG A 272 8.23 -3.12 -19.09
N PRO A 273 8.92 -2.85 -20.17
CA PRO A 273 10.20 -2.16 -20.02
C PRO A 273 10.07 -0.70 -19.60
N GLU A 274 8.87 -0.17 -19.70
CA GLU A 274 8.55 1.17 -19.21
C GLU A 274 8.46 1.25 -17.68
N SER A 275 8.71 0.13 -17.02
CA SER A 275 8.82 0.11 -15.57
C SER A 275 9.97 0.95 -14.98
N VAL A 276 10.87 1.39 -15.84
CA VAL A 276 11.94 2.25 -15.39
C VAL A 276 11.52 3.70 -15.21
N ASP A 277 10.28 4.03 -15.59
CA ASP A 277 9.77 5.39 -15.42
C ASP A 277 8.82 5.48 -14.20
N PHE A 278 8.48 6.70 -13.84
CA PHE A 278 7.54 7.02 -12.81
C PHE A 278 6.11 6.83 -13.31
N ARG A 279 5.48 5.76 -12.87
CA ARG A 279 4.12 5.45 -13.33
C ARG A 279 3.30 5.04 -12.11
N TYR A 280 2.27 4.20 -12.31
CA TYR A 280 1.21 3.96 -11.35
C TYR A 280 1.74 3.43 -10.02
N ASP A 281 2.74 2.58 -10.05
CA ASP A 281 3.26 2.05 -8.79
C ASP A 281 3.97 3.17 -8.02
N ALA A 282 4.84 3.87 -8.75
CA ALA A 282 5.76 4.87 -8.16
C ALA A 282 5.07 6.06 -7.58
N TRP A 283 3.82 6.32 -7.96
CA TRP A 283 3.04 7.37 -7.28
C TRP A 283 3.08 7.24 -5.77
N ARG A 284 3.12 6.00 -5.25
CA ARG A 284 3.00 5.72 -3.81
C ARG A 284 4.32 5.94 -3.03
N SER A 285 5.47 5.95 -3.70
CA SER A 285 6.75 6.00 -2.98
C SER A 285 6.82 7.12 -1.98
N VAL A 286 6.39 8.31 -2.38
CA VAL A 286 6.44 9.46 -1.49
C VAL A 286 5.61 9.26 -0.22
N MET A 287 4.46 8.59 -0.35
CA MET A 287 3.64 8.31 0.83
C MET A 287 4.42 7.44 1.76
N ASN A 288 5.10 6.43 1.21
CA ASN A 288 5.81 5.47 2.05
C ASN A 288 6.88 6.14 2.88
N TRP A 289 7.72 6.94 2.23
CA TRP A 289 8.80 7.57 3.00
C TRP A 289 8.30 8.71 3.89
N SER A 290 7.24 9.38 3.45
CA SER A 290 6.72 10.48 4.25
C SER A 290 6.03 9.97 5.50
N MET A 291 5.26 8.91 5.34
CA MET A 291 4.67 8.23 6.47
C MET A 291 5.71 7.75 7.45
N ASP A 292 6.78 7.15 6.94
CA ASP A 292 7.85 6.68 7.78
C ASP A 292 8.49 7.83 8.61
N TYR A 293 8.75 8.92 7.96
CA TYR A 293 9.30 10.10 8.62
C TYR A 293 8.35 10.62 9.68
N ALA A 294 7.09 10.78 9.31
CA ALA A 294 6.12 11.30 10.29
C ALA A 294 5.97 10.41 11.49
N TRP A 295 5.98 9.11 11.30
CA TRP A 295 5.77 8.14 12.39
C TRP A 295 6.99 8.01 13.28
N TRP A 296 8.16 7.90 12.64
CA TRP A 296 9.39 7.44 13.31
C TRP A 296 10.52 8.45 13.37
N GLY A 297 10.56 9.39 12.45
CA GLY A 297 11.55 10.44 12.48
C GLY A 297 12.96 9.96 12.20
N LYS A 298 13.14 8.80 11.58
CA LYS A 298 14.49 8.22 11.37
C LYS A 298 15.07 8.49 10.00
N ASP A 299 14.25 8.76 9.00
CA ASP A 299 14.72 8.92 7.64
C ASP A 299 15.06 10.39 7.46
N SER A 300 16.30 10.72 7.75
CA SER A 300 16.69 12.13 7.72
C SER A 300 16.64 12.74 6.30
N GLY A 301 16.61 11.92 5.25
CA GLY A 301 16.48 12.40 3.90
C GLY A 301 15.04 12.63 3.44
N ALA A 302 14.06 12.17 4.20
CA ALA A 302 12.65 12.21 3.72
C ALA A 302 12.15 13.66 3.54
N PRO A 303 12.44 14.58 4.48
CA PRO A 303 11.93 15.93 4.22
C PRO A 303 12.43 16.58 2.93
N ALA A 304 13.71 16.47 2.69
CA ALA A 304 14.22 16.99 1.45
C ALA A 304 13.67 16.33 0.20
N ARG A 305 13.49 15.03 0.27
CA ARG A 305 12.95 14.31 -0.83
C ARG A 305 11.49 14.74 -1.11
N SER A 306 10.71 14.83 -0.04
CA SER A 306 9.34 15.35 -0.22
C SER A 306 9.33 16.77 -0.79
N ASP A 307 10.19 17.62 -0.26
CA ASP A 307 10.32 18.97 -0.82
C ASP A 307 10.67 18.98 -2.29
N LYS A 308 11.62 18.13 -2.71
CA LYS A 308 11.95 18.02 -4.12
C LYS A 308 10.82 17.58 -5.01
N LEU A 309 10.08 16.57 -4.54
CA LEU A 309 8.96 16.07 -5.32
C LEU A 309 7.88 17.17 -5.48
N LEU A 310 7.56 17.87 -4.39
CA LEU A 310 6.57 18.91 -4.47
C LEU A 310 7.07 20.09 -5.33
N ALA A 311 8.36 20.43 -5.24
CA ALA A 311 8.87 21.48 -6.09
C ALA A 311 8.75 21.07 -7.57
N PHE A 312 9.01 19.81 -7.88
CA PHE A 312 8.86 19.36 -9.22
C PHE A 312 7.43 19.48 -9.69
N PHE A 313 6.51 18.95 -8.89
CA PHE A 313 5.11 19.01 -9.32
C PHE A 313 4.53 20.42 -9.38
N GLU A 314 5.08 21.34 -8.61
CA GLU A 314 4.71 22.77 -8.76
C GLU A 314 5.05 23.27 -10.17
N THR A 315 6.14 22.80 -10.78
CA THR A 315 6.49 23.16 -12.18
C THR A 315 5.53 22.63 -13.21
N GLN A 316 4.71 21.65 -12.85
CA GLN A 316 3.74 21.04 -13.73
C GLN A 316 2.34 21.59 -13.66
N GLU A 317 2.15 22.67 -12.86
CA GLU A 317 0.83 23.27 -12.66
C GLU A 317 0.21 23.60 -14.02
N GLY A 318 -1.03 23.14 -14.22
CA GLY A 318 -1.73 23.33 -15.51
C GLY A 318 -1.30 22.47 -16.68
N LYS A 319 -0.37 21.54 -16.47
CA LYS A 319 0.05 20.62 -17.52
C LYS A 319 0.48 19.26 -16.94
N MET A 320 -0.16 18.95 -15.83
CA MET A 320 0.31 17.80 -15.07
CA MET A 320 0.19 17.79 -15.05
C MET A 320 -0.05 16.53 -15.87
N ASN A 321 0.95 15.67 -15.98
CA ASN A 321 0.78 14.35 -16.55
C ASN A 321 0.71 13.37 -15.37
N HIS A 322 0.60 12.09 -15.64
CA HIS A 322 0.70 11.14 -14.53
C HIS A 322 1.73 10.03 -14.78
N LEU A 323 2.52 10.21 -15.85
CA LEU A 323 3.58 9.31 -16.24
C LEU A 323 4.76 10.23 -16.52
N TYR A 324 5.91 9.93 -15.91
CA TYR A 324 7.11 10.82 -16.04
C TYR A 324 8.37 10.02 -16.18
N SER A 325 9.32 10.56 -16.93
CA SER A 325 10.70 10.04 -16.81
C SER A 325 11.21 10.48 -15.47
N LEU A 326 12.22 9.83 -14.94
CA LEU A 326 12.65 10.18 -13.62
C LEU A 326 13.24 11.56 -13.53
N ASP A 327 13.78 12.10 -14.63
CA ASP A 327 14.25 13.48 -14.58
C ASP A 327 13.16 14.48 -14.89
N GLY A 328 11.91 14.05 -15.05
CA GLY A 328 10.82 14.95 -15.10
C GLY A 328 10.18 15.25 -16.41
N LYS A 329 10.50 14.48 -17.45
CA LYS A 329 9.88 14.66 -18.75
C LYS A 329 8.49 14.03 -18.73
N PRO A 330 7.48 14.75 -19.14
CA PRO A 330 6.10 14.14 -19.16
C PRO A 330 5.97 13.08 -20.20
N LEU A 331 5.38 11.93 -19.81
CA LEU A 331 5.24 10.79 -20.70
C LEU A 331 3.81 10.45 -20.99
N GLY A 332 2.87 11.25 -20.54
CA GLY A 332 1.47 11.08 -20.93
C GLY A 332 0.52 11.09 -19.77
N GLY A 333 -0.73 11.22 -20.18
CA GLY A 333 -1.83 11.24 -19.25
C GLY A 333 -2.08 12.65 -18.76
N GLY A 334 -3.23 12.76 -18.08
CA GLY A 334 -3.55 13.96 -17.38
C GLY A 334 -3.46 13.74 -15.90
N PRO A 335 -3.88 14.72 -15.13
CA PRO A 335 -3.89 14.58 -13.68
C PRO A 335 -4.82 13.43 -13.29
N THR A 336 -4.43 12.74 -12.24
CA THR A 336 -5.30 11.71 -11.69
C THR A 336 -5.47 11.95 -10.23
N LEU A 337 -6.61 11.51 -9.74
CA LEU A 337 -6.90 11.64 -8.33
C LEU A 337 -5.83 10.90 -7.51
N GLY A 338 -5.46 9.70 -7.95
CA GLY A 338 -4.45 8.97 -7.23
C GLY A 338 -3.13 9.68 -7.04
N LEU A 339 -2.66 10.30 -8.12
CA LEU A 339 -1.38 11.01 -8.03
C LEU A 339 -1.52 12.32 -7.20
N ILE A 340 -2.61 13.05 -7.36
CA ILE A 340 -2.90 14.19 -6.49
C ILE A 340 -2.89 13.80 -4.99
N SER A 341 -3.51 12.65 -4.72
CA SER A 341 -3.63 12.14 -3.38
C SER A 341 -2.24 11.79 -2.80
N MET A 342 -1.43 11.07 -3.57
CA MET A 342 -0.14 10.67 -3.08
C MET A 342 0.74 11.88 -2.91
N ASN A 343 0.66 12.84 -3.80
CA ASN A 343 1.48 14.03 -3.67
C ASN A 343 1.15 14.77 -2.39
N ALA A 344 -0.12 14.82 -2.02
CA ALA A 344 -0.50 15.47 -0.80
C ALA A 344 0.12 14.84 0.43
N THR A 345 0.28 13.52 0.43
CA THR A 345 0.90 12.84 1.54
C THR A 345 2.36 13.21 1.73
N ALA A 346 3.00 13.78 0.73
CA ALA A 346 4.37 14.33 0.90
C ALA A 346 4.46 15.35 1.96
N ALA A 347 3.30 15.99 2.26
CA ALA A 347 3.26 16.97 3.32
C ALA A 347 3.45 16.40 4.71
N MET A 348 3.39 15.08 4.88
CA MET A 348 3.77 14.48 6.16
C MET A 348 5.27 14.67 6.49
N ALA A 349 6.09 14.98 5.48
CA ALA A 349 7.52 15.26 5.71
C ALA A 349 8.03 16.56 5.18
N ALA A 350 7.37 17.17 4.21
CA ALA A 350 7.87 18.37 3.55
C ALA A 350 8.04 19.54 4.53
N THR A 351 9.02 20.38 4.26
CA THR A 351 9.23 21.60 5.09
C THR A 351 8.80 22.85 4.38
N ASP A 352 8.88 22.89 3.05
CA ASP A 352 8.58 24.11 2.32
C ASP A 352 7.08 24.30 2.30
N PRO A 353 6.60 25.53 2.60
CA PRO A 353 5.17 25.77 2.71
C PRO A 353 4.35 25.61 1.44
N ARG A 354 4.96 25.38 0.28
CA ARG A 354 4.20 24.95 -0.89
C ARG A 354 3.40 23.67 -0.63
N TRP A 355 3.76 22.90 0.39
CA TRP A 355 2.94 21.71 0.69
C TRP A 355 1.52 22.09 0.98
N HIS A 356 1.28 23.30 1.50
CA HIS A 356 -0.10 23.73 1.73
C HIS A 356 -0.94 23.59 0.49
N ASN A 357 -0.41 23.95 -0.69
CA ASN A 357 -1.14 23.92 -1.93
C ASN A 357 -1.51 22.51 -2.33
N PHE A 358 -0.63 21.57 -2.01
CA PHE A 358 -0.88 20.17 -2.39
C PHE A 358 -1.94 19.55 -1.50
N VAL A 359 -1.96 19.90 -0.23
CA VAL A 359 -3.02 19.46 0.66
C VAL A 359 -4.35 20.12 0.28
N GLU A 360 -4.33 21.41 -0.08
CA GLU A 360 -5.53 22.06 -0.60
C GLU A 360 -6.04 21.44 -1.87
N LYS A 361 -5.12 21.02 -2.76
CA LYS A 361 -5.54 20.39 -3.98
C LYS A 361 -6.27 19.08 -3.68
N LEU A 362 -5.79 18.29 -2.72
CA LEU A 362 -6.48 17.10 -2.30
C LEU A 362 -7.86 17.40 -1.72
N TRP A 363 -7.92 18.44 -0.92
CA TRP A 363 -9.21 18.91 -0.33
C TRP A 363 -10.21 19.21 -1.39
N GLN A 364 -9.78 19.77 -2.51
CA GLN A 364 -10.68 20.15 -3.60
C GLN A 364 -11.20 18.99 -4.42
N GLN A 365 -10.74 17.76 -4.21
CA GLN A 365 -11.17 16.65 -4.98
C GLN A 365 -12.47 16.12 -4.45
N GLN A 366 -13.00 15.14 -5.13
CA GLN A 366 -14.22 14.46 -4.69
C GLN A 366 -14.03 12.96 -4.97
N PRO A 367 -14.86 12.12 -4.39
CA PRO A 367 -14.69 10.70 -4.63
C PRO A 367 -14.77 10.39 -6.12
N PRO A 368 -13.98 9.41 -6.55
CA PRO A 368 -13.93 9.13 -7.98
C PRO A 368 -15.13 8.32 -8.46
N THR A 369 -15.45 8.48 -9.73
CA THR A 369 -16.50 7.74 -10.36
C THR A 369 -15.98 7.19 -11.67
N GLY A 370 -16.68 6.23 -12.25
CA GLY A 370 -16.30 5.70 -13.50
C GLY A 370 -15.29 4.59 -13.44
N GLN A 371 -14.74 4.26 -14.61
CA GLN A 371 -14.02 3.01 -14.79
C GLN A 371 -12.70 2.92 -14.03
N TYR A 372 -12.04 4.05 -13.73
CA TYR A 372 -10.75 4.04 -13.07
C TYR A 372 -10.80 4.35 -11.58
N ARG A 373 -11.96 4.17 -10.99
CA ARG A 373 -12.15 4.63 -9.65
C ARG A 373 -11.49 3.79 -8.57
N TYR A 374 -11.13 2.53 -8.87
CA TYR A 374 -10.52 1.66 -7.87
C TYR A 374 -9.17 2.18 -7.38
N TYR A 375 -8.21 2.35 -8.26
CA TYR A 375 -6.88 2.74 -7.79
C TYR A 375 -6.87 4.18 -7.32
N ASP A 376 -7.58 5.05 -8.03
CA ASP A 376 -7.75 6.43 -7.58
C ASP A 376 -8.42 6.48 -6.23
N GLY A 377 -9.44 5.65 -6.03
CA GLY A 377 -10.24 5.72 -4.82
C GLY A 377 -9.55 5.18 -3.60
N VAL A 378 -8.86 4.05 -3.70
CA VAL A 378 -8.17 3.55 -2.52
C VAL A 378 -7.03 4.49 -2.10
N LEU A 379 -6.35 5.06 -3.07
CA LEU A 379 -5.28 6.03 -2.77
C LEU A 379 -5.87 7.32 -2.18
N TYR A 380 -7.00 7.78 -2.71
CA TYR A 380 -7.64 8.97 -2.21
C TYR A 380 -8.01 8.80 -0.75
N LEU A 381 -8.69 7.70 -0.41
CA LEU A 381 -9.14 7.51 0.95
C LEU A 381 -7.95 7.32 1.91
N MET A 382 -6.92 6.58 1.49
CA MET A 382 -5.75 6.49 2.35
C MET A 382 -5.13 7.87 2.56
N ALA A 383 -5.04 8.65 1.48
CA ALA A 383 -4.47 10.01 1.59
C ALA A 383 -5.30 10.90 2.50
N LEU A 384 -6.64 10.84 2.37
CA LEU A 384 -7.45 11.63 3.30
C LEU A 384 -7.20 11.24 4.74
N LEU A 385 -7.04 9.95 5.03
CA LEU A 385 -6.83 9.54 6.43
C LEU A 385 -5.47 10.04 6.91
N HIS A 386 -4.43 9.90 6.05
CA HIS A 386 -3.11 10.43 6.44
C HIS A 386 -3.20 11.93 6.70
N CYS A 387 -3.81 12.67 5.80
CA CYS A 387 -3.80 14.15 5.90
C CYS A 387 -4.68 14.67 7.00
N ALA A 388 -5.65 13.89 7.42
CA ALA A 388 -6.53 14.26 8.54
C ALA A 388 -5.95 13.94 9.91
N GLY A 389 -4.76 13.32 9.98
CA GLY A 389 -4.22 12.80 11.23
C GLY A 389 -4.95 11.59 11.78
N GLU A 390 -5.57 10.80 10.90
CA GLU A 390 -6.38 9.68 11.30
C GLU A 390 -5.77 8.36 10.88
N TYR A 391 -4.57 8.37 10.36
CA TYR A 391 -3.95 7.12 9.96
C TYR A 391 -2.78 6.88 10.95
N LYS A 392 -2.98 5.97 11.89
CA LYS A 392 -2.10 5.86 13.02
C LYS A 392 -1.48 4.49 13.11
N ALA A 393 -0.37 4.40 13.88
CA ALA A 393 0.22 3.13 14.23
C ALA A 393 -0.50 2.56 15.45
N TRP A 394 -1.19 1.46 15.28
CA TRP A 394 -1.93 0.79 16.35
C TRP A 394 -1.13 -0.45 16.73
N ILE A 395 -0.22 -0.29 17.69
CA ILE A 395 0.75 -1.34 17.97
C ILE A 395 0.19 -2.29 19.03
N PRO A 396 0.06 -3.57 18.70
CA PRO A 396 -0.47 -4.49 19.66
C PRO A 396 0.54 -4.82 20.77
N ASP A 397 0.04 -5.37 21.87
CA ASP A 397 0.85 -5.90 22.99
C ASP A 397 1.68 -7.14 22.58
C1 EDO B . 5.89 -12.68 -12.12
O1 EDO B . 5.29 -13.95 -12.52
C2 EDO B . 6.92 -12.29 -13.17
O2 EDO B . 8.12 -13.07 -13.05
C1 EDO C . -17.66 16.40 1.97
O1 EDO C . -16.78 16.96 1.01
C2 EDO C . -18.89 17.27 2.02
O2 EDO C . -19.47 17.29 0.72
C1 EDO D . 17.07 7.49 -10.26
O1 EDO D . 17.49 6.32 -10.98
C2 EDO D . 18.02 7.68 -9.10
O2 EDO D . 19.28 8.13 -9.60
C1 EDO E . 19.89 10.94 -14.77
O1 EDO E . 18.88 10.24 -14.05
C2 EDO E . 19.15 11.89 -15.66
O2 EDO E . 18.68 12.97 -14.87
C1 EDO F . 16.40 -16.56 6.68
O1 EDO F . 17.79 -16.27 6.30
C2 EDO F . 15.55 -15.98 5.59
O2 EDO F . 15.62 -14.54 5.63
C1 EDO G . 1.16 -6.06 -9.13
O1 EDO G . 1.11 -5.08 -10.15
C2 EDO G . 1.41 -7.43 -9.75
O2 EDO G . 2.79 -7.63 -10.16
NA NA H . 8.01 -23.37 2.83
#